data_6JR2
#
_entry.id   6JR2
#
_cell.length_a   74.905
_cell.length_b   90.427
_cell.length_c   112.355
_cell.angle_alpha   90.00
_cell.angle_beta   90.00
_cell.angle_gamma   90.00
#
_symmetry.space_group_name_H-M   'P 21 21 21'
#
loop_
_entity.id
_entity.type
_entity.pdbx_description
1 polymer 'Zearalenone hydrolase'
2 non-polymer (3S,7R,11E)-7,14,16-trihydroxy-3-methyl-3,4,5,6,7,8,9,10-octahydro-1H-2-benzoxacyclotetradecin-1-one
3 non-polymer GLYCEROL
4 non-polymer 'POTASSIUM ION'
5 water water
#
_entity_poly.entity_id   1
_entity_poly.type   'polypeptide(L)'
_entity_poly.pdbx_seq_one_letter_code
;MRTRSTISTPNGITWYYEQEGTGPDIVLVPDGLGECQMFDSSVSQIAAQGFRVTTFDMPGMSRSAKAPAETYTEVTAQKL
ASYVISILDALDIKHATVWGCSSGASTVVALLLGYPDRIRNAMCHELPTKLLDHLSNTAVLEDEEISNILANVMLNDVSG
GSEAWQALGVEVHARLHKNYPVWARGYPRTIPPSAPVQDVEALRGKPLDWTVGAATPTESFFDNIVTATKAGVNIGLLPG
MAFPYVSHPDVFAKYVVETTQKHLWNSSSVDKLAAALEHHHHHH
;
_entity_poly.pdbx_strand_id   A,B
#
loop_
_chem_comp.id
_chem_comp.type
_chem_comp.name
_chem_comp.formula
36J non-polymer (3S,7R,11E)-7,14,16-trihydroxy-3-methyl-3,4,5,6,7,8,9,10-octahydro-1H-2-benzoxacyclotetradecin-1-one 'C18 H24 O5'
GOL non-polymer GLYCEROL 'C3 H8 O3'
K non-polymer 'POTASSIUM ION' 'K 1'
#
# COMPACT_ATOMS: atom_id res chain seq x y z
N MET A 1 -11.44 23.22 -29.49
CA MET A 1 -10.05 23.74 -29.35
C MET A 1 -9.03 22.55 -29.31
N ARG A 2 -9.50 21.34 -29.45
CA ARG A 2 -8.58 20.14 -29.43
C ARG A 2 -8.09 19.90 -30.88
N THR A 3 -6.80 19.82 -31.06
CA THR A 3 -6.22 19.31 -32.33
C THR A 3 -6.17 17.80 -32.22
N ARG A 4 -6.68 17.11 -33.23
CA ARG A 4 -6.61 15.63 -33.29
C ARG A 4 -5.98 15.34 -34.65
N SER A 5 -4.81 14.75 -34.65
CA SER A 5 -4.06 14.60 -35.92
C SER A 5 -3.07 13.50 -35.84
N THR A 6 -2.26 13.35 -36.88
CA THR A 6 -1.21 12.34 -36.94
C THR A 6 0.11 12.95 -37.33
N ILE A 7 1.17 12.27 -36.98
CA ILE A 7 2.54 12.70 -37.30
C ILE A 7 3.40 11.48 -37.41
N SER A 8 4.27 11.46 -38.42
CA SER A 8 5.17 10.34 -38.69
C SER A 8 6.59 10.65 -38.26
N THR A 9 7.18 9.74 -37.50
CA THR A 9 8.57 9.90 -37.02
C THR A 9 9.46 8.95 -37.79
N PRO A 10 10.75 9.30 -37.89
CA PRO A 10 11.65 8.49 -38.79
C PRO A 10 12.07 7.12 -38.26
N ASN A 11 11.63 6.74 -37.06
CA ASN A 11 11.64 5.37 -36.57
C ASN A 11 10.53 4.50 -37.13
N GLY A 12 9.70 5.01 -38.06
CA GLY A 12 8.67 4.22 -38.69
C GLY A 12 7.31 4.33 -38.10
N ILE A 13 7.14 5.08 -37.03
CA ILE A 13 5.83 5.18 -36.36
C ILE A 13 5.03 6.35 -36.97
N THR A 14 3.75 6.07 -37.23
CA THR A 14 2.74 7.11 -37.51
C THR A 14 1.86 7.19 -36.25
N TRP A 15 2.04 8.27 -35.55
CA TRP A 15 1.36 8.51 -34.26
C TRP A 15 0.01 9.15 -34.49
N TYR A 16 -0.98 8.74 -33.73
CA TYR A 16 -2.18 9.55 -33.48
C TYR A 16 -1.94 10.38 -32.20
N TYR A 17 -2.14 11.68 -32.29
CA TYR A 17 -1.90 12.57 -31.12
C TYR A 17 -3.02 13.58 -31.00
N GLU A 18 -3.11 14.17 -29.80
CA GLU A 18 -4.04 15.27 -29.54
C GLU A 18 -3.28 16.37 -28.82
N GLN A 19 -3.69 17.61 -29.07
CA GLN A 19 -3.06 18.76 -28.39
C GLN A 19 -4.13 19.79 -28.10
N GLU A 20 -4.05 20.43 -26.93
CA GLU A 20 -4.98 21.53 -26.59
C GLU A 20 -4.20 22.55 -25.77
N GLY A 21 -4.49 23.82 -26.00
CA GLY A 21 -3.93 24.85 -25.13
C GLY A 21 -2.68 25.51 -25.62
N THR A 22 -2.31 26.62 -24.98
N THR A 22 -2.31 26.58 -24.91
CA THR A 22 -1.01 27.28 -25.17
CA THR A 22 -1.09 27.36 -25.12
C THR A 22 -0.40 27.59 -23.80
C THR A 22 -0.40 27.61 -23.77
N GLY A 23 0.91 27.53 -23.77
CA GLY A 23 1.71 27.70 -22.58
C GLY A 23 2.79 26.65 -22.48
N PRO A 24 3.39 26.51 -21.27
CA PRO A 24 4.37 25.47 -21.06
C PRO A 24 3.81 24.07 -21.41
N ASP A 25 4.68 23.25 -21.94
CA ASP A 25 4.25 21.91 -22.45
C ASP A 25 4.12 20.90 -21.27
N ILE A 26 2.98 20.22 -21.29
CA ILE A 26 2.69 19.04 -20.43
C ILE A 26 2.32 17.92 -21.38
N VAL A 27 2.95 16.77 -21.18
CA VAL A 27 2.76 15.60 -22.06
C VAL A 27 2.25 14.45 -21.17
N LEU A 28 1.16 13.85 -21.59
CA LEU A 28 0.52 12.73 -20.85
C LEU A 28 0.80 11.44 -21.60
N VAL A 29 1.66 10.63 -21.04
CA VAL A 29 2.05 9.33 -21.67
C VAL A 29 1.08 8.29 -21.16
N PRO A 30 0.41 7.52 -22.04
CA PRO A 30 -0.47 6.46 -21.56
C PRO A 30 0.24 5.33 -20.80
N ASP A 31 -0.60 4.60 -20.07
CA ASP A 31 -0.23 3.29 -19.49
C ASP A 31 -0.04 2.32 -20.66
N GLY A 32 0.26 1.06 -20.33
CA GLY A 32 0.60 0.09 -21.35
C GLY A 32 -0.49 -0.15 -22.40
N LEU A 33 -1.74 0.12 -22.05
CA LEU A 33 -2.81 -0.08 -23.05
C LEU A 33 -2.75 0.97 -24.15
N GLY A 34 -2.03 2.07 -23.95
CA GLY A 34 -1.65 2.94 -25.06
C GLY A 34 -2.74 3.81 -25.61
N GLU A 35 -3.79 4.08 -24.85
CA GLU A 35 -5.07 4.65 -25.32
C GLU A 35 -5.21 6.05 -24.73
N CYS A 36 -5.01 7.07 -25.54
CA CYS A 36 -5.02 8.45 -25.01
C CYS A 36 -6.40 9.07 -24.80
N GLN A 37 -7.47 8.42 -25.26
CA GLN A 37 -8.81 8.94 -24.96
C GLN A 37 -9.07 8.89 -23.44
N MET A 38 -8.33 8.08 -22.72
CA MET A 38 -8.45 8.05 -21.26
C MET A 38 -8.13 9.42 -20.64
N PHE A 39 -7.40 10.30 -21.33
CA PHE A 39 -7.00 11.61 -20.81
C PHE A 39 -7.98 12.71 -21.23
N ASP A 40 -9.04 12.40 -21.98
CA ASP A 40 -9.85 13.46 -22.66
C ASP A 40 -10.34 14.56 -21.72
N SER A 41 -10.96 14.18 -20.60
CA SER A 41 -11.48 15.20 -19.66
C SER A 41 -10.32 16.01 -19.08
N SER A 42 -9.29 15.32 -18.65
N SER A 42 -9.28 15.32 -18.63
CA SER A 42 -8.17 15.98 -17.95
CA SER A 42 -8.17 16.01 -17.95
C SER A 42 -7.44 16.92 -18.92
C SER A 42 -7.45 16.95 -18.93
N VAL A 43 -7.28 16.56 -20.20
CA VAL A 43 -6.56 17.42 -21.15
C VAL A 43 -7.20 18.82 -21.16
N SER A 44 -8.54 18.86 -21.25
CA SER A 44 -9.23 20.19 -21.27
C SER A 44 -9.01 20.94 -19.95
N GLN A 45 -9.07 20.24 -18.85
CA GLN A 45 -8.98 20.92 -17.53
C GLN A 45 -7.56 21.44 -17.34
N ILE A 46 -6.53 20.69 -17.73
CA ILE A 46 -5.13 21.13 -17.58
C ILE A 46 -4.88 22.31 -18.52
N ALA A 47 -5.25 22.18 -19.78
CA ALA A 47 -4.97 23.19 -20.81
C ALA A 47 -5.61 24.53 -20.36
N ALA A 48 -6.76 24.46 -19.73
CA ALA A 48 -7.53 25.67 -19.31
C ALA A 48 -6.70 26.47 -18.29
N GLN A 49 -5.70 25.91 -17.64
CA GLN A 49 -4.88 26.59 -16.62
C GLN A 49 -3.64 27.22 -17.23
N GLY A 50 -3.52 27.28 -18.54
CA GLY A 50 -2.43 27.95 -19.26
C GLY A 50 -1.29 27.05 -19.64
N PHE A 51 -1.61 25.85 -20.11
CA PHE A 51 -0.59 24.89 -20.61
C PHE A 51 -0.99 24.41 -22.01
N ARG A 52 0.03 24.02 -22.76
CA ARG A 52 -0.15 23.24 -24.01
C ARG A 52 -0.01 21.77 -23.62
N VAL A 53 -1.07 21.03 -23.76
CA VAL A 53 -1.12 19.61 -23.31
C VAL A 53 -1.13 18.74 -24.56
N THR A 54 -0.22 17.77 -24.61
CA THR A 54 -0.09 16.84 -25.74
C THR A 54 -0.25 15.43 -25.16
N THR A 55 -0.96 14.61 -25.90
CA THR A 55 -1.00 13.15 -25.58
C THR A 55 -1.09 12.40 -26.91
N PHE A 56 -1.00 11.07 -26.85
CA PHE A 56 -0.89 10.30 -28.09
C PHE A 56 -1.17 8.85 -27.73
N ASP A 57 -1.64 8.09 -28.73
CA ASP A 57 -1.70 6.63 -28.58
C ASP A 57 -0.28 6.08 -28.72
N MET A 58 0.01 4.99 -28.01
CA MET A 58 1.37 4.48 -28.02
C MET A 58 1.60 3.54 -29.21
N PRO A 59 2.87 3.33 -29.61
CA PRO A 59 3.13 2.60 -30.85
C PRO A 59 2.51 1.20 -30.85
N GLY A 60 1.84 0.84 -31.93
CA GLY A 60 1.17 -0.45 -32.01
C GLY A 60 -0.18 -0.50 -31.42
N MET A 61 -0.58 0.54 -30.66
CA MET A 61 -1.84 0.58 -29.92
C MET A 61 -2.82 1.54 -30.56
N SER A 62 -4.11 1.20 -30.48
CA SER A 62 -5.19 2.11 -30.86
C SER A 62 -4.93 2.74 -32.24
N ARG A 63 -4.85 4.05 -32.31
CA ARG A 63 -4.73 4.74 -33.60
C ARG A 63 -3.29 5.02 -33.96
N SER A 64 -2.33 4.55 -33.16
CA SER A 64 -0.89 4.59 -33.46
C SER A 64 -0.40 3.18 -33.90
N ALA A 65 -1.27 2.39 -34.48
CA ALA A 65 -0.95 0.99 -34.85
C ALA A 65 -0.03 0.93 -36.06
N LYS A 66 0.12 1.97 -36.86
CA LYS A 66 1.07 1.94 -38.00
C LYS A 66 2.48 2.18 -37.51
N ALA A 67 3.11 1.10 -37.08
CA ALA A 67 4.44 1.13 -36.44
C ALA A 67 5.14 -0.20 -36.71
N PRO A 68 6.46 -0.18 -36.76
CA PRO A 68 7.23 -1.41 -36.93
C PRO A 68 7.13 -2.30 -35.69
N ALA A 69 7.22 -3.60 -35.92
CA ALA A 69 7.00 -4.61 -34.85
C ALA A 69 7.98 -4.39 -33.68
N GLU A 70 9.17 -3.89 -33.94
N GLU A 70 9.17 -3.87 -33.93
CA GLU A 70 10.17 -3.64 -32.87
CA GLU A 70 10.16 -3.67 -32.85
C GLU A 70 9.56 -2.74 -31.80
C GLU A 70 9.65 -2.64 -31.83
N THR A 71 8.68 -1.80 -32.22
CA THR A 71 8.17 -0.75 -31.27
C THR A 71 7.10 -1.29 -30.34
N TYR A 72 6.55 -2.48 -30.55
CA TYR A 72 5.48 -3.04 -29.71
C TYR A 72 5.80 -4.49 -29.31
N THR A 73 7.06 -4.90 -29.55
CA THR A 73 7.53 -6.22 -29.03
C THR A 73 8.81 -5.98 -28.23
N GLU A 74 9.03 -6.85 -27.23
CA GLU A 74 10.25 -6.76 -26.39
C GLU A 74 10.37 -5.30 -25.92
N VAL A 75 9.27 -4.76 -25.40
CA VAL A 75 9.24 -3.31 -25.07
C VAL A 75 9.91 -3.07 -23.70
N THR A 76 10.70 -2.03 -23.67
CA THR A 76 11.40 -1.59 -22.47
C THR A 76 11.09 -0.13 -22.21
N ALA A 77 11.35 0.32 -20.99
CA ALA A 77 11.26 1.74 -20.68
C ALA A 77 12.13 2.61 -21.58
N GLN A 78 13.33 2.12 -21.91
CA GLN A 78 14.29 2.88 -22.71
C GLN A 78 13.83 2.95 -24.18
N LYS A 79 13.25 1.87 -24.70
CA LYS A 79 12.65 1.96 -26.04
C LYS A 79 11.50 2.98 -26.05
N LEU A 80 10.59 2.88 -25.07
CA LEU A 80 9.47 3.85 -25.04
C LEU A 80 9.94 5.29 -24.89
N ALA A 81 10.96 5.54 -24.08
CA ALA A 81 11.46 6.90 -23.87
C ALA A 81 12.01 7.41 -25.23
N SER A 82 12.74 6.58 -25.96
N SER A 82 12.75 6.58 -25.96
CA SER A 82 13.26 6.99 -27.29
CA SER A 82 13.26 6.97 -27.30
C SER A 82 12.09 7.33 -28.24
C SER A 82 12.08 7.35 -28.23
N TYR A 83 10.99 6.61 -28.17
CA TYR A 83 9.82 6.87 -29.03
C TYR A 83 9.15 8.17 -28.63
N VAL A 84 8.95 8.41 -27.33
CA VAL A 84 8.36 9.66 -26.88
C VAL A 84 9.26 10.84 -27.31
N ILE A 85 10.55 10.71 -27.19
CA ILE A 85 11.44 11.85 -27.57
C ILE A 85 11.24 12.06 -29.08
N SER A 86 11.02 11.02 -29.85
CA SER A 86 10.85 11.20 -31.32
C SER A 86 9.59 12.00 -31.66
N ILE A 87 8.49 11.81 -30.92
CA ILE A 87 7.25 12.59 -31.20
C ILE A 87 7.43 14.01 -30.67
N LEU A 88 8.12 14.18 -29.55
CA LEU A 88 8.32 15.53 -29.01
C LEU A 88 9.18 16.31 -30.04
N ASP A 89 10.19 15.68 -30.57
CA ASP A 89 11.02 16.32 -31.64
C ASP A 89 10.12 16.72 -32.83
N ALA A 90 9.27 15.82 -33.28
CA ALA A 90 8.42 16.06 -34.45
C ALA A 90 7.43 17.18 -34.23
N LEU A 91 6.94 17.37 -33.00
CA LEU A 91 5.97 18.42 -32.61
C LEU A 91 6.69 19.68 -32.13
N ASP A 92 8.02 19.71 -32.20
CA ASP A 92 8.85 20.86 -31.78
C ASP A 92 8.59 21.23 -30.33
N ILE A 93 8.46 20.21 -29.46
CA ILE A 93 8.32 20.39 -27.98
C ILE A 93 9.71 20.24 -27.40
N LYS A 94 10.33 21.35 -27.02
CA LYS A 94 11.73 21.36 -26.56
C LYS A 94 11.84 21.00 -25.08
N HIS A 95 10.91 21.51 -24.28
CA HIS A 95 10.94 21.36 -22.80
C HIS A 95 9.56 20.93 -22.37
N ALA A 96 9.46 19.79 -21.68
CA ALA A 96 8.14 19.26 -21.32
C ALA A 96 8.12 18.73 -19.88
N THR A 97 7.00 18.97 -19.26
CA THR A 97 6.58 18.22 -18.04
C THR A 97 5.94 16.94 -18.58
N VAL A 98 6.23 15.81 -17.93
CA VAL A 98 5.64 14.54 -18.39
C VAL A 98 4.98 13.79 -17.23
N TRP A 99 3.90 13.13 -17.57
CA TRP A 99 3.16 12.21 -16.68
C TRP A 99 3.20 10.81 -17.30
N GLY A 100 3.33 9.77 -16.46
CA GLY A 100 3.01 8.44 -16.94
C GLY A 100 2.71 7.48 -15.81
N CYS A 101 1.82 6.52 -16.10
CA CYS A 101 1.44 5.43 -15.18
C CYS A 101 1.90 4.10 -15.76
N SER A 102 2.35 3.21 -14.89
N SER A 102 2.30 3.18 -14.89
CA SER A 102 2.71 1.83 -15.24
CA SER A 102 2.63 1.79 -15.26
C SER A 102 3.88 1.84 -16.22
C SER A 102 3.84 1.81 -16.20
N SER A 103 3.77 1.22 -17.40
CA SER A 103 4.87 1.36 -18.37
C SER A 103 5.12 2.83 -18.71
N GLY A 104 4.09 3.66 -18.62
CA GLY A 104 4.28 5.09 -18.78
C GLY A 104 5.13 5.68 -17.67
N ALA A 105 5.02 5.16 -16.45
CA ALA A 105 5.86 5.62 -15.34
C ALA A 105 7.32 5.24 -15.63
N SER A 106 7.55 3.99 -16.05
CA SER A 106 8.94 3.61 -16.38
C SER A 106 9.47 4.50 -17.49
N THR A 107 8.62 4.81 -18.47
CA THR A 107 9.00 5.68 -19.60
C THR A 107 9.41 7.07 -19.11
N VAL A 108 8.60 7.71 -18.22
CA VAL A 108 8.91 9.10 -17.86
C VAL A 108 10.14 9.16 -16.97
N VAL A 109 10.40 8.15 -16.13
CA VAL A 109 11.67 8.15 -15.36
C VAL A 109 12.82 8.01 -16.33
N ALA A 110 12.73 7.10 -17.29
CA ALA A 110 13.80 6.91 -18.31
C ALA A 110 13.97 8.24 -19.08
N LEU A 111 12.90 8.95 -19.41
CA LEU A 111 12.97 10.26 -20.07
C LEU A 111 13.78 11.23 -19.21
N LEU A 112 13.40 11.38 -17.94
CA LEU A 112 14.03 12.40 -17.05
C LEU A 112 15.52 12.04 -16.94
N LEU A 113 15.88 10.79 -16.73
CA LEU A 113 17.30 10.43 -16.54
C LEU A 113 18.05 10.54 -17.87
N GLY A 114 17.44 10.17 -18.97
CA GLY A 114 18.13 10.09 -20.28
C GLY A 114 18.19 11.38 -21.00
N TYR A 115 17.26 12.27 -20.78
CA TYR A 115 17.09 13.52 -21.54
C TYR A 115 16.81 14.64 -20.58
N PRO A 116 17.75 14.92 -19.62
CA PRO A 116 17.49 15.93 -18.62
C PRO A 116 17.25 17.32 -19.18
N ASP A 117 17.88 17.66 -20.32
CA ASP A 117 17.70 19.00 -20.89
C ASP A 117 16.29 19.11 -21.49
N ARG A 118 15.56 18.00 -21.69
CA ARG A 118 14.25 18.04 -22.35
C ARG A 118 13.11 17.99 -21.34
N ILE A 119 13.39 17.55 -20.15
CA ILE A 119 12.26 17.23 -19.20
C ILE A 119 12.34 18.16 -18.01
N ARG A 120 11.35 19.02 -17.89
CA ARG A 120 11.24 19.97 -16.76
C ARG A 120 11.02 19.21 -15.46
N ASN A 121 10.13 18.22 -15.49
CA ASN A 121 9.79 17.45 -14.31
C ASN A 121 8.96 16.26 -14.79
N ALA A 122 8.97 15.19 -14.01
CA ALA A 122 8.25 13.95 -14.34
C ALA A 122 7.40 13.54 -13.16
N MET A 123 6.19 13.13 -13.47
CA MET A 123 5.22 12.54 -12.52
C MET A 123 5.11 11.06 -12.91
N CYS A 124 5.50 10.18 -12.02
CA CYS A 124 5.41 8.71 -12.27
C CYS A 124 4.39 8.15 -11.28
N HIS A 125 3.59 7.23 -11.77
CA HIS A 125 2.51 6.58 -10.99
C HIS A 125 2.64 5.08 -11.15
N GLU A 126 2.76 4.36 -10.06
CA GLU A 126 2.68 2.88 -10.07
C GLU A 126 3.65 2.29 -11.09
N LEU A 127 4.92 2.39 -10.79
CA LEU A 127 5.99 1.93 -11.71
C LEU A 127 6.25 0.45 -11.50
N PRO A 128 6.06 -0.40 -12.52
CA PRO A 128 6.16 -1.85 -12.33
C PRO A 128 7.61 -2.31 -12.36
N THR A 129 8.06 -2.89 -11.25
CA THR A 129 9.47 -3.35 -11.15
C THR A 129 9.57 -4.86 -10.97
N LYS A 130 8.47 -5.56 -10.87
CA LYS A 130 8.46 -7.02 -10.61
C LYS A 130 7.79 -7.76 -11.74
N LEU A 131 8.41 -8.86 -12.14
CA LEU A 131 7.75 -9.80 -13.06
C LEU A 131 6.60 -10.47 -12.35
N LEU A 132 5.47 -10.60 -13.00
CA LEU A 132 4.27 -11.30 -12.51
C LEU A 132 4.01 -12.45 -13.49
N ASP A 133 4.21 -13.70 -13.04
CA ASP A 133 4.04 -14.87 -13.93
C ASP A 133 2.63 -14.89 -14.48
N HIS A 134 1.59 -14.58 -13.72
CA HIS A 134 0.19 -14.65 -14.22
C HIS A 134 -0.04 -13.65 -15.38
N LEU A 135 0.63 -12.52 -15.39
CA LEU A 135 0.53 -11.61 -16.55
C LEU A 135 1.40 -12.09 -17.69
N SER A 136 2.67 -12.46 -17.44
CA SER A 136 3.60 -12.92 -18.46
C SER A 136 2.95 -14.11 -19.20
N ASN A 137 2.26 -14.96 -18.47
CA ASN A 137 1.72 -16.22 -19.07
C ASN A 137 0.55 -15.94 -20.03
N THR A 138 -0.09 -14.77 -19.96
CA THR A 138 -1.16 -14.47 -20.94
C THR A 138 -0.58 -14.39 -22.34
N ALA A 139 0.74 -14.19 -22.54
CA ALA A 139 1.34 -13.97 -23.88
C ALA A 139 1.18 -15.18 -24.79
N VAL A 140 1.04 -16.38 -24.23
CA VAL A 140 0.97 -17.60 -25.08
C VAL A 140 -0.49 -17.95 -25.40
N LEU A 141 -1.48 -17.23 -24.86
CA LEU A 141 -2.90 -17.58 -25.09
C LEU A 141 -3.37 -17.05 -26.44
N GLU A 142 -4.57 -17.45 -26.86
N GLU A 142 -4.58 -17.45 -26.85
CA GLU A 142 -5.18 -16.92 -28.10
CA GLU A 142 -5.20 -16.94 -28.10
C GLU A 142 -5.61 -15.47 -27.84
C GLU A 142 -5.63 -15.48 -27.84
N ASP A 143 -5.68 -14.69 -28.89
CA ASP A 143 -6.06 -13.25 -28.83
C ASP A 143 -7.35 -13.06 -28.07
N GLU A 144 -8.39 -13.81 -28.42
N GLU A 144 -8.40 -13.82 -28.42
CA GLU A 144 -9.72 -13.63 -27.79
CA GLU A 144 -9.72 -13.58 -27.81
C GLU A 144 -9.62 -13.96 -26.30
C GLU A 144 -9.66 -13.89 -26.32
N GLU A 145 -8.80 -14.95 -25.93
N GLU A 145 -8.89 -14.89 -25.88
CA GLU A 145 -8.63 -15.35 -24.51
CA GLU A 145 -8.81 -15.21 -24.44
C GLU A 145 -8.01 -14.14 -23.78
C GLU A 145 -8.01 -14.09 -23.74
N ILE A 146 -6.92 -13.63 -24.35
CA ILE A 146 -6.14 -12.50 -23.75
C ILE A 146 -7.09 -11.32 -23.55
N SER A 147 -7.83 -10.93 -24.58
CA SER A 147 -8.76 -9.77 -24.45
C SER A 147 -9.78 -10.01 -23.35
N ASN A 148 -10.37 -11.22 -23.28
CA ASN A 148 -11.41 -11.46 -22.24
C ASN A 148 -10.78 -11.37 -20.85
N ILE A 149 -9.61 -11.97 -20.64
CA ILE A 149 -8.96 -11.97 -19.31
C ILE A 149 -8.62 -10.52 -18.90
N LEU A 150 -7.97 -9.82 -19.80
CA LEU A 150 -7.42 -8.49 -19.40
C LEU A 150 -8.52 -7.46 -19.33
N ALA A 151 -9.56 -7.53 -20.17
CA ALA A 151 -10.70 -6.60 -20.04
C ALA A 151 -11.30 -6.73 -18.65
N ASN A 152 -11.41 -7.98 -18.16
N ASN A 152 -11.37 -7.95 -18.12
CA ASN A 152 -11.98 -8.26 -16.82
CA ASN A 152 -12.04 -8.17 -16.81
C ASN A 152 -11.07 -7.70 -15.72
C ASN A 152 -11.07 -7.79 -15.67
N VAL A 153 -9.76 -7.91 -15.86
CA VAL A 153 -8.77 -7.40 -14.88
C VAL A 153 -8.98 -5.88 -14.78
N MET A 154 -9.06 -5.18 -15.92
CA MET A 154 -9.12 -3.71 -15.85
C MET A 154 -10.41 -3.27 -15.20
N LEU A 155 -11.53 -3.86 -15.61
CA LEU A 155 -12.84 -3.42 -15.15
C LEU A 155 -13.03 -3.74 -13.67
N ASN A 156 -12.73 -4.94 -13.27
CA ASN A 156 -13.13 -5.44 -11.93
C ASN A 156 -12.01 -5.36 -10.90
N ASP A 157 -10.74 -5.32 -11.28
CA ASP A 157 -9.64 -5.38 -10.30
C ASP A 157 -8.98 -4.00 -10.14
N VAL A 158 -8.68 -3.25 -11.20
CA VAL A 158 -7.68 -2.15 -11.04
C VAL A 158 -8.12 -0.83 -11.69
N SER A 159 -9.37 -0.71 -12.08
CA SER A 159 -9.86 0.53 -12.73
C SER A 159 -9.86 1.65 -11.68
N GLY A 160 -10.07 1.33 -10.40
CA GLY A 160 -10.31 2.36 -9.40
C GLY A 160 -11.67 3.00 -9.51
N GLY A 161 -12.56 2.47 -10.36
CA GLY A 161 -13.86 3.12 -10.61
C GLY A 161 -14.55 2.46 -11.78
N SER A 162 -15.30 1.39 -11.54
CA SER A 162 -15.88 0.58 -12.63
C SER A 162 -16.84 1.44 -13.47
N GLU A 163 -17.63 2.32 -12.87
CA GLU A 163 -18.59 3.11 -13.68
C GLU A 163 -17.83 4.02 -14.65
N ALA A 164 -16.77 4.67 -14.16
CA ALA A 164 -15.98 5.58 -15.01
C ALA A 164 -15.31 4.77 -16.11
N TRP A 165 -14.82 3.58 -15.77
CA TRP A 165 -14.16 2.71 -16.75
C TRP A 165 -15.14 2.34 -17.87
N GLN A 166 -16.34 1.90 -17.47
CA GLN A 166 -17.34 1.57 -18.51
C GLN A 166 -17.68 2.77 -19.36
N ALA A 167 -17.77 3.97 -18.77
CA ALA A 167 -18.20 5.21 -19.43
C ALA A 167 -17.16 5.71 -20.44
N LEU A 168 -15.96 5.09 -20.51
CA LEU A 168 -15.07 5.38 -21.63
C LEU A 168 -15.79 5.18 -22.95
N GLY A 169 -16.70 4.22 -23.00
CA GLY A 169 -17.60 4.06 -24.14
C GLY A 169 -17.21 2.90 -25.05
N VAL A 170 -18.12 2.57 -25.97
CA VAL A 170 -17.95 1.39 -26.86
C VAL A 170 -16.74 1.52 -27.77
N GLU A 171 -16.50 2.69 -28.34
N GLU A 171 -16.48 2.69 -28.34
CA GLU A 171 -15.38 2.90 -29.30
CA GLU A 171 -15.36 2.85 -29.31
C GLU A 171 -14.05 2.65 -28.57
C GLU A 171 -14.03 2.66 -28.58
N VAL A 172 -13.87 3.25 -27.40
CA VAL A 172 -12.59 3.07 -26.62
C VAL A 172 -12.41 1.59 -26.30
N HIS A 173 -13.47 0.95 -25.80
CA HIS A 173 -13.33 -0.46 -25.40
C HIS A 173 -13.09 -1.37 -26.61
N ALA A 174 -13.58 -0.99 -27.80
CA ALA A 174 -13.26 -1.74 -29.03
C ALA A 174 -11.79 -1.60 -29.38
N ARG A 175 -11.22 -0.39 -29.18
CA ARG A 175 -9.77 -0.26 -29.41
C ARG A 175 -8.98 -1.04 -28.37
N LEU A 176 -9.38 -0.96 -27.13
CA LEU A 176 -8.68 -1.70 -26.06
C LEU A 176 -8.73 -3.18 -26.35
N HIS A 177 -9.86 -3.67 -26.82
CA HIS A 177 -9.99 -5.11 -27.16
C HIS A 177 -8.86 -5.55 -28.06
N LYS A 178 -8.51 -4.77 -29.07
CA LYS A 178 -7.41 -5.11 -30.00
C LYS A 178 -6.04 -4.92 -29.35
N ASN A 179 -5.92 -3.95 -28.41
CA ASN A 179 -4.62 -3.70 -27.79
C ASN A 179 -4.21 -4.79 -26.79
N TYR A 180 -5.15 -5.43 -26.11
CA TYR A 180 -4.82 -6.41 -25.04
C TYR A 180 -3.78 -7.39 -25.51
N PRO A 181 -4.00 -8.09 -26.64
CA PRO A 181 -2.98 -9.06 -27.06
C PRO A 181 -1.64 -8.48 -27.46
N VAL A 182 -1.62 -7.26 -28.02
CA VAL A 182 -0.39 -6.60 -28.37
C VAL A 182 0.37 -6.31 -27.05
N TRP A 183 -0.34 -5.74 -26.09
CA TRP A 183 0.28 -5.46 -24.77
C TRP A 183 0.80 -6.76 -24.14
N ALA A 184 -0.02 -7.79 -24.10
CA ALA A 184 0.38 -9.05 -23.43
C ALA A 184 1.66 -9.60 -24.05
N ARG A 185 1.78 -9.59 -25.38
CA ARG A 185 2.94 -10.20 -26.05
C ARG A 185 4.16 -9.32 -25.94
N GLY A 186 4.00 -7.99 -25.80
CA GLY A 186 5.16 -7.11 -25.87
C GLY A 186 5.65 -6.49 -24.56
N TYR A 187 4.83 -6.46 -23.50
CA TYR A 187 5.11 -5.62 -22.30
C TYR A 187 5.48 -6.41 -21.04
N PRO A 188 4.66 -7.29 -20.50
CA PRO A 188 4.87 -7.75 -19.13
C PRO A 188 6.18 -8.53 -18.94
N ARG A 189 6.72 -9.16 -19.97
CA ARG A 189 7.94 -9.98 -19.78
C ARG A 189 9.16 -9.09 -19.79
N THR A 190 9.12 -7.88 -20.38
CA THR A 190 10.31 -7.06 -20.61
C THR A 190 10.25 -5.68 -19.94
N ILE A 191 9.05 -5.16 -19.62
CA ILE A 191 9.01 -3.83 -18.95
C ILE A 191 9.61 -3.89 -17.54
N PRO A 192 9.25 -4.86 -16.66
CA PRO A 192 9.73 -4.76 -15.28
C PRO A 192 11.24 -4.85 -15.12
N PRO A 193 11.96 -5.73 -15.87
CA PRO A 193 13.42 -5.71 -15.73
C PRO A 193 14.09 -4.46 -16.25
N SER A 194 13.38 -3.62 -17.03
CA SER A 194 13.92 -2.41 -17.60
C SER A 194 13.70 -1.19 -16.67
N ALA A 195 13.08 -1.42 -15.51
CA ALA A 195 12.72 -0.32 -14.63
C ALA A 195 13.95 0.50 -14.27
N PRO A 196 13.93 1.82 -14.49
CA PRO A 196 15.08 2.69 -14.28
C PRO A 196 15.23 3.09 -12.80
N VAL A 197 15.15 2.10 -11.92
CA VAL A 197 15.13 2.26 -10.43
C VAL A 197 16.27 1.49 -9.78
N GLN A 198 17.22 0.90 -10.50
CA GLN A 198 18.27 0.10 -9.86
C GLN A 198 19.27 1.01 -9.16
N ASP A 199 19.40 2.26 -9.59
CA ASP A 199 20.40 3.20 -9.06
C ASP A 199 19.64 4.28 -8.30
N VAL A 200 19.51 4.07 -7.00
CA VAL A 200 18.78 5.04 -6.14
C VAL A 200 19.46 6.38 -6.12
N GLU A 201 20.78 6.42 -6.13
CA GLU A 201 21.49 7.71 -6.12
C GLU A 201 21.26 8.50 -7.43
N ALA A 202 20.96 7.85 -8.55
CA ALA A 202 20.65 8.55 -9.82
C ALA A 202 19.31 9.28 -9.71
N LEU A 203 18.41 8.82 -8.85
CA LEU A 203 17.12 9.52 -8.69
C LEU A 203 17.26 10.70 -7.72
N ARG A 204 18.26 10.69 -6.83
CA ARG A 204 18.30 11.70 -5.76
C ARG A 204 18.46 13.10 -6.33
N GLY A 205 17.64 14.01 -5.87
CA GLY A 205 17.64 15.43 -6.24
C GLY A 205 17.00 15.71 -7.59
N LYS A 206 16.45 14.70 -8.25
CA LYS A 206 15.81 14.90 -9.58
C LYS A 206 14.40 15.42 -9.41
N PRO A 207 13.88 16.20 -10.41
CA PRO A 207 12.53 16.76 -10.35
C PRO A 207 11.48 15.69 -10.68
N LEU A 208 11.31 14.78 -9.75
CA LEU A 208 10.45 13.59 -9.89
C LEU A 208 9.40 13.66 -8.79
N ASP A 209 8.14 13.42 -9.12
CA ASP A 209 7.07 13.32 -8.14
C ASP A 209 6.36 11.99 -8.40
N TRP A 210 6.33 11.14 -7.37
CA TRP A 210 5.89 9.77 -7.52
C TRP A 210 4.57 9.57 -6.79
N THR A 211 3.65 8.82 -7.38
CA THR A 211 2.39 8.50 -6.72
C THR A 211 2.08 7.01 -6.87
N VAL A 212 1.24 6.53 -5.94
CA VAL A 212 0.58 5.22 -5.97
C VAL A 212 -0.91 5.47 -5.73
N GLY A 213 -1.74 4.58 -6.23
CA GLY A 213 -3.20 4.68 -5.97
C GLY A 213 -3.52 4.37 -4.51
N ALA A 214 -4.32 5.22 -3.89
CA ALA A 214 -4.67 5.05 -2.46
C ALA A 214 -5.38 3.72 -2.25
N ALA A 215 -6.19 3.27 -3.20
CA ALA A 215 -6.96 2.01 -3.04
C ALA A 215 -6.20 0.79 -3.53
N THR A 216 -5.06 0.94 -4.20
CA THR A 216 -4.28 -0.19 -4.68
C THR A 216 -3.87 -0.99 -3.46
N PRO A 217 -3.92 -2.34 -3.54
CA PRO A 217 -3.39 -3.16 -2.44
C PRO A 217 -1.94 -2.83 -2.17
N THR A 218 -1.57 -2.76 -0.89
CA THR A 218 -0.22 -2.36 -0.46
C THR A 218 0.86 -3.15 -1.19
N GLU A 219 0.66 -4.44 -1.40
N GLU A 219 0.67 -4.44 -1.37
CA GLU A 219 1.73 -5.28 -1.96
CA GLU A 219 1.70 -5.29 -1.99
C GLU A 219 2.09 -4.83 -3.39
C GLU A 219 2.13 -4.71 -3.34
N SER A 220 1.18 -4.21 -4.12
CA SER A 220 1.45 -3.96 -5.56
C SER A 220 2.61 -2.99 -5.75
N PHE A 221 2.63 -1.87 -5.05
CA PHE A 221 3.69 -0.86 -5.27
C PHE A 221 4.36 -0.46 -3.97
N PHE A 222 4.36 -1.39 -2.97
CA PHE A 222 5.19 -1.27 -1.77
C PHE A 222 6.62 -0.87 -2.14
N ASP A 223 7.17 -1.49 -3.18
CA ASP A 223 8.59 -1.28 -3.54
C ASP A 223 8.78 0.14 -4.03
N ASN A 224 7.78 0.74 -4.67
CA ASN A 224 7.86 2.12 -5.13
C ASN A 224 8.03 3.04 -3.94
N ILE A 225 7.26 2.79 -2.87
CA ILE A 225 7.30 3.67 -1.69
C ILE A 225 8.69 3.58 -1.04
N VAL A 226 9.20 2.39 -0.92
CA VAL A 226 10.55 2.16 -0.35
C VAL A 226 11.60 2.89 -1.22
N THR A 227 11.58 2.66 -2.53
CA THR A 227 12.61 3.26 -3.40
C THR A 227 12.53 4.77 -3.37
N ALA A 228 11.32 5.36 -3.50
CA ALA A 228 11.20 6.80 -3.49
C ALA A 228 11.77 7.34 -2.18
N THR A 229 11.40 6.70 -1.06
CA THR A 229 11.87 7.18 0.27
C THR A 229 13.40 7.11 0.35
N LYS A 230 13.97 6.03 -0.09
CA LYS A 230 15.45 5.91 -0.04
C LYS A 230 16.09 7.00 -0.86
N ALA A 231 15.50 7.38 -1.98
CA ALA A 231 16.06 8.41 -2.89
C ALA A 231 15.71 9.83 -2.47
N GLY A 232 14.89 10.04 -1.45
CA GLY A 232 14.41 11.36 -1.09
C GLY A 232 13.44 11.99 -2.07
N VAL A 233 12.79 11.19 -2.89
CA VAL A 233 11.86 11.66 -3.93
C VAL A 233 10.51 11.85 -3.28
N ASN A 234 9.85 12.93 -3.66
N ASN A 234 9.81 12.90 -3.67
CA ASN A 234 8.43 13.18 -3.28
CA ASN A 234 8.45 13.22 -3.18
C ASN A 234 7.61 11.94 -3.63
C ASN A 234 7.47 12.12 -3.63
N ILE A 235 6.87 11.44 -2.65
CA ILE A 235 6.00 10.25 -2.90
C ILE A 235 4.67 10.51 -2.18
N GLY A 236 3.58 10.23 -2.86
CA GLY A 236 2.25 10.45 -2.29
C GLY A 236 1.23 9.59 -3.00
N LEU A 237 -0.03 9.92 -2.74
CA LEU A 237 -1.13 9.08 -3.24
C LEU A 237 -2.10 9.90 -4.08
N LEU A 238 -2.70 9.24 -5.05
CA LEU A 238 -3.88 9.75 -5.79
C LEU A 238 -5.02 8.85 -5.44
N PRO A 239 -6.26 9.35 -5.54
CA PRO A 239 -7.39 8.46 -5.33
C PRO A 239 -7.45 7.42 -6.41
N GLY A 240 -8.06 6.30 -6.08
CA GLY A 240 -8.28 5.22 -7.02
C GLY A 240 -7.12 4.23 -7.08
N MET A 241 -6.84 3.71 -8.27
N MET A 241 -6.86 3.68 -8.25
CA MET A 241 -5.87 2.61 -8.46
CA MET A 241 -5.86 2.62 -8.46
C MET A 241 -4.98 2.96 -9.65
C MET A 241 -5.00 2.98 -9.67
N ALA A 242 -5.04 2.21 -10.74
CA ALA A 242 -4.06 2.37 -11.84
C ALA A 242 -4.45 3.48 -12.80
N PHE A 243 -5.69 3.99 -12.77
CA PHE A 243 -6.13 4.90 -13.83
C PHE A 243 -6.75 6.15 -13.22
N PRO A 244 -6.00 6.96 -12.43
CA PRO A 244 -6.62 8.08 -11.75
C PRO A 244 -7.22 9.10 -12.74
N TYR A 245 -6.63 9.16 -13.94
CA TYR A 245 -7.15 10.06 -14.98
C TYR A 245 -8.50 9.61 -15.49
N VAL A 246 -8.86 8.33 -15.32
CA VAL A 246 -10.22 7.84 -15.69
C VAL A 246 -11.12 7.95 -14.46
N SER A 247 -10.70 7.46 -13.33
CA SER A 247 -11.56 7.35 -12.14
C SER A 247 -11.81 8.71 -11.47
N HIS A 248 -10.84 9.61 -11.47
CA HIS A 248 -10.87 10.89 -10.73
C HIS A 248 -10.25 11.97 -11.58
N PRO A 249 -10.83 12.26 -12.76
CA PRO A 249 -10.19 13.16 -13.72
C PRO A 249 -9.91 14.56 -13.18
N ASP A 250 -10.81 15.10 -12.35
CA ASP A 250 -10.62 16.46 -11.84
C ASP A 250 -9.49 16.48 -10.82
N VAL A 251 -9.42 15.48 -9.94
CA VAL A 251 -8.31 15.37 -8.98
C VAL A 251 -7.00 15.19 -9.73
N PHE A 252 -7.04 14.32 -10.73
CA PHE A 252 -5.82 14.09 -11.54
C PHE A 252 -5.37 15.41 -12.20
N ALA A 253 -6.28 16.11 -12.85
CA ALA A 253 -5.94 17.38 -13.54
C ALA A 253 -5.36 18.40 -12.52
N LYS A 254 -5.96 18.48 -11.35
CA LYS A 254 -5.44 19.44 -10.33
C LYS A 254 -4.05 19.05 -9.89
N TYR A 255 -3.77 17.74 -9.74
CA TYR A 255 -2.45 17.28 -9.35
C TYR A 255 -1.43 17.62 -10.42
N VAL A 256 -1.75 17.38 -11.67
CA VAL A 256 -0.82 17.67 -12.80
C VAL A 256 -0.54 19.19 -12.85
N VAL A 257 -1.58 19.98 -12.72
CA VAL A 257 -1.39 21.46 -12.78
C VAL A 257 -0.58 21.94 -11.56
N GLU A 258 -0.92 21.51 -10.35
CA GLU A 258 -0.23 22.01 -9.16
C GLU A 258 1.24 21.56 -9.16
N THR A 259 1.51 20.34 -9.61
CA THR A 259 2.88 19.82 -9.64
C THR A 259 3.67 20.59 -10.70
N THR A 260 3.09 20.86 -11.83
CA THR A 260 3.77 21.64 -12.89
C THR A 260 4.07 23.04 -12.37
N GLN A 261 3.09 23.61 -11.72
CA GLN A 261 3.25 25.01 -11.20
C GLN A 261 4.37 25.03 -10.15
N LYS A 262 4.48 24.00 -9.32
CA LYS A 262 5.53 23.92 -8.29
C LYS A 262 6.90 23.92 -8.95
N HIS A 263 7.06 23.20 -10.05
CA HIS A 263 8.37 23.10 -10.70
C HIS A 263 8.66 24.36 -11.54
N LEU A 264 7.64 25.06 -12.02
CA LEU A 264 7.85 26.33 -12.72
C LEU A 264 8.37 27.35 -11.70
N TRP A 265 7.90 27.28 -10.46
CA TRP A 265 8.33 28.22 -9.38
C TRP A 265 9.80 27.91 -9.06
N ASN A 266 10.12 26.63 -8.81
CA ASN A 266 11.49 26.16 -8.45
C ASN A 266 12.46 26.53 -9.58
N SER A 267 12.05 26.36 -10.84
CA SER A 267 12.87 26.60 -12.08
C SER A 267 13.48 27.99 -12.02
N SER A 268 12.62 29.00 -11.92
CA SER A 268 13.00 30.42 -11.82
C SER A 268 13.74 30.63 -10.49
N MET B 1 -2.02 -28.96 27.07
CA MET B 1 -0.65 -28.33 27.23
C MET B 1 -0.77 -26.81 27.44
N ARG B 2 -1.96 -26.25 27.31
CA ARG B 2 -2.05 -24.77 27.42
C ARG B 2 -2.55 -24.38 28.79
N THR B 3 -1.86 -23.49 29.45
CA THR B 3 -2.34 -22.82 30.67
C THR B 3 -3.42 -21.81 30.27
N ARG B 4 -4.53 -21.78 30.99
CA ARG B 4 -5.58 -20.77 30.81
C ARG B 4 -6.01 -20.33 32.19
N SER B 5 -5.67 -19.14 32.55
CA SER B 5 -5.77 -18.72 33.98
C SER B 5 -5.94 -17.22 34.10
N THR B 6 -5.99 -16.71 35.31
CA THR B 6 -6.07 -15.27 35.60
C THR B 6 -5.00 -14.91 36.58
N ILE B 7 -4.59 -13.68 36.51
CA ILE B 7 -3.54 -13.12 37.40
C ILE B 7 -3.80 -11.65 37.60
N SER B 8 -3.68 -11.20 38.84
CA SER B 8 -3.94 -9.81 39.16
C SER B 8 -2.62 -9.06 39.37
N THR B 9 -2.55 -7.84 38.86
CA THR B 9 -1.39 -6.95 38.96
C THR B 9 -1.71 -5.78 39.87
N PRO B 10 -0.67 -5.18 40.48
CA PRO B 10 -0.89 -4.13 41.48
C PRO B 10 -1.58 -2.85 40.98
N ASN B 11 -1.64 -2.63 39.67
CA ASN B 11 -2.42 -1.56 39.04
C ASN B 11 -3.92 -1.88 39.01
N GLY B 12 -4.40 -3.00 39.57
CA GLY B 12 -5.84 -3.20 39.70
C GLY B 12 -6.43 -4.07 38.60
N ILE B 13 -5.62 -4.47 37.63
CA ILE B 13 -6.16 -5.32 36.53
C ILE B 13 -6.14 -6.76 36.96
N THR B 14 -7.22 -7.47 36.70
CA THR B 14 -7.25 -8.93 36.72
C THR B 14 -7.19 -9.38 35.24
N TRP B 15 -6.05 -9.93 34.87
CA TRP B 15 -5.85 -10.41 33.47
C TRP B 15 -6.33 -11.83 33.32
N TYR B 16 -6.94 -12.11 32.17
CA TYR B 16 -7.06 -13.45 31.63
C TYR B 16 -5.84 -13.67 30.70
N TYR B 17 -5.10 -14.74 30.93
CA TYR B 17 -3.89 -15.06 30.13
C TYR B 17 -3.84 -16.51 29.77
N GLU B 18 -3.09 -16.80 28.71
CA GLU B 18 -2.84 -18.16 28.25
C GLU B 18 -1.32 -18.30 28.06
N GLN B 19 -0.83 -19.50 28.23
CA GLN B 19 0.63 -19.75 28.08
C GLN B 19 0.83 -21.19 27.62
N GLU B 20 1.71 -21.38 26.66
CA GLU B 20 2.01 -22.73 26.19
C GLU B 20 3.48 -22.80 25.82
N GLY B 21 4.13 -23.92 26.15
CA GLY B 21 5.48 -24.17 25.67
C GLY B 21 6.56 -23.88 26.68
N THR B 22 7.77 -24.28 26.34
N THR B 22 7.77 -24.26 26.28
CA THR B 22 8.99 -23.94 27.10
CA THR B 22 9.02 -24.06 27.04
C THR B 22 10.05 -23.51 26.11
C THR B 22 10.08 -23.51 26.07
N GLY B 23 10.87 -22.58 26.56
CA GLY B 23 11.93 -21.97 25.74
C GLY B 23 11.85 -20.48 25.88
N PRO B 24 12.56 -19.76 25.00
CA PRO B 24 12.55 -18.32 25.05
C PRO B 24 11.12 -17.78 24.94
N ASP B 25 10.88 -16.68 25.63
CA ASP B 25 9.54 -16.09 25.73
C ASP B 25 9.19 -15.28 24.44
N ILE B 26 8.01 -15.61 23.95
CA ILE B 26 7.31 -14.81 22.89
C ILE B 26 5.97 -14.41 23.49
N VAL B 27 5.63 -13.13 23.37
CA VAL B 27 4.40 -12.54 23.91
C VAL B 27 3.60 -11.91 22.75
N LEU B 28 2.34 -12.35 22.64
CA LEU B 28 1.45 -11.92 21.55
C LEU B 28 0.47 -10.91 22.11
N VAL B 29 0.65 -9.64 21.80
CA VAL B 29 -0.21 -8.56 22.29
C VAL B 29 -1.37 -8.37 21.34
N PRO B 30 -2.64 -8.42 21.80
CA PRO B 30 -3.75 -8.17 20.92
C PRO B 30 -3.80 -6.77 20.31
N ASP B 31 -4.53 -6.73 19.21
CA ASP B 31 -5.00 -5.45 18.64
C ASP B 31 -6.00 -4.82 19.63
N GLY B 32 -6.55 -3.69 19.21
CA GLY B 32 -7.37 -2.88 20.13
C GLY B 32 -8.57 -3.64 20.68
N LEU B 33 -9.08 -4.65 19.97
CA LEU B 33 -10.28 -5.37 20.47
C LEU B 33 -9.91 -6.27 21.65
N GLY B 34 -8.61 -6.49 21.90
CA GLY B 34 -8.16 -7.08 23.17
C GLY B 34 -8.51 -8.52 23.39
N GLU B 35 -8.68 -9.32 22.30
CA GLU B 35 -9.26 -10.67 22.38
C GLU B 35 -8.18 -11.67 22.00
N CYS B 36 -7.65 -12.40 22.97
CA CYS B 36 -6.52 -13.29 22.68
C CYS B 36 -6.91 -14.62 22.08
N GLN B 37 -8.20 -14.96 21.95
CA GLN B 37 -8.52 -16.24 21.30
C GLN B 37 -8.16 -16.17 19.80
N MET B 38 -8.03 -14.95 19.26
CA MET B 38 -7.59 -14.78 17.86
C MET B 38 -6.22 -15.42 17.64
N PHE B 39 -5.43 -15.62 18.68
CA PHE B 39 -4.08 -16.22 18.56
C PHE B 39 -4.06 -17.75 18.76
N ASP B 40 -5.21 -18.36 18.98
CA ASP B 40 -5.25 -19.76 19.53
C ASP B 40 -4.41 -20.70 18.65
N SER B 41 -4.69 -20.77 17.35
CA SER B 41 -3.97 -21.70 16.45
C SER B 41 -2.47 -21.36 16.44
N SER B 42 -2.16 -20.08 16.28
N SER B 42 -2.16 -20.09 16.28
CA SER B 42 -0.74 -19.69 16.19
CA SER B 42 -0.73 -19.71 16.18
C SER B 42 0.02 -19.98 17.49
C SER B 42 0.03 -19.97 17.49
N VAL B 43 -0.59 -19.81 18.67
CA VAL B 43 0.09 -20.07 19.94
C VAL B 43 0.65 -21.52 19.92
N SER B 44 -0.17 -22.46 19.54
CA SER B 44 0.28 -23.89 19.48
C SER B 44 1.40 -24.08 18.46
N GLN B 45 1.29 -23.46 17.31
CA GLN B 45 2.29 -23.65 16.24
C GLN B 45 3.60 -23.03 16.69
N ILE B 46 3.57 -21.85 17.26
CA ILE B 46 4.79 -21.16 17.72
C ILE B 46 5.44 -21.98 18.83
N ALA B 47 4.67 -22.33 19.84
CA ALA B 47 5.19 -23.05 21.02
C ALA B 47 5.86 -24.35 20.57
N ALA B 48 5.32 -25.01 19.59
CA ALA B 48 5.83 -26.33 19.09
C ALA B 48 7.24 -26.18 18.53
N GLN B 49 7.70 -24.99 18.19
CA GLN B 49 9.09 -24.78 17.69
C GLN B 49 10.05 -24.47 18.83
N GLY B 50 9.68 -24.65 20.10
CA GLY B 50 10.60 -24.47 21.23
C GLY B 50 10.56 -23.13 21.90
N PHE B 51 9.35 -22.55 22.04
CA PHE B 51 9.18 -21.24 22.69
C PHE B 51 8.09 -21.34 23.76
N ARG B 52 8.22 -20.53 24.78
CA ARG B 52 7.13 -20.27 25.72
C ARG B 52 6.33 -19.07 25.18
N VAL B 53 5.10 -19.32 24.84
CA VAL B 53 4.23 -18.29 24.23
C VAL B 53 3.20 -17.84 25.24
N THR B 54 3.11 -16.57 25.47
CA THR B 54 2.12 -15.99 26.40
C THR B 54 1.22 -15.02 25.61
N THR B 55 -0.08 -15.03 25.90
CA THR B 55 -0.97 -14.00 25.43
C THR B 55 -2.02 -13.71 26.50
N PHE B 56 -2.82 -12.67 26.27
CA PHE B 56 -3.79 -12.27 27.29
C PHE B 56 -4.82 -11.38 26.67
N ASP B 57 -5.99 -11.33 27.29
CA ASP B 57 -6.94 -10.29 26.91
C ASP B 57 -6.51 -8.92 27.49
N MET B 58 -6.79 -7.83 26.79
CA MET B 58 -6.31 -6.52 27.19
C MET B 58 -7.25 -5.91 28.23
N PRO B 59 -6.74 -4.96 29.03
CA PRO B 59 -7.54 -4.43 30.14
C PRO B 59 -8.85 -3.84 29.67
N GLY B 60 -9.94 -4.22 30.37
CA GLY B 60 -11.27 -3.77 30.04
C GLY B 60 -11.96 -4.59 28.95
N MET B 61 -11.22 -5.46 28.27
CA MET B 61 -11.74 -6.24 27.13
C MET B 61 -11.90 -7.72 27.52
N SER B 62 -12.91 -8.36 26.93
CA SER B 62 -13.09 -9.81 27.01
C SER B 62 -12.93 -10.27 28.46
N ARG B 63 -12.09 -11.23 28.75
CA ARG B 63 -11.99 -11.83 30.09
C ARG B 63 -11.06 -11.06 30.99
N SER B 64 -10.45 -9.96 30.53
CA SER B 64 -9.67 -9.03 31.36
C SER B 64 -10.48 -7.78 31.70
N ALA B 65 -11.81 -7.91 31.76
CA ALA B 65 -12.68 -6.73 31.93
C ALA B 65 -12.66 -6.20 33.38
N LYS B 66 -12.18 -6.98 34.35
CA LYS B 66 -12.08 -6.47 35.74
C LYS B 66 -10.80 -5.64 35.82
N ALA B 67 -10.93 -4.35 35.67
CA ALA B 67 -9.83 -3.39 35.60
C ALA B 67 -10.37 -2.02 35.88
N PRO B 68 -9.51 -1.13 36.44
CA PRO B 68 -9.92 0.25 36.67
C PRO B 68 -10.18 0.98 35.36
N ALA B 69 -11.09 1.94 35.38
CA ALA B 69 -11.51 2.72 34.20
C ALA B 69 -10.31 3.41 33.50
N GLU B 70 -9.33 3.84 34.27
CA GLU B 70 -8.13 4.51 33.71
C GLU B 70 -7.47 3.60 32.66
N THR B 71 -7.54 2.28 32.82
CA THR B 71 -6.79 1.32 31.95
C THR B 71 -7.48 1.15 30.61
N TYR B 72 -8.75 1.56 30.47
CA TYR B 72 -9.49 1.40 29.19
C TYR B 72 -10.11 2.71 28.70
N THR B 73 -9.74 3.84 29.30
CA THR B 73 -10.14 5.15 28.83
C THR B 73 -8.87 5.97 28.59
N GLU B 74 -8.94 6.90 27.63
CA GLU B 74 -7.78 7.78 27.31
C GLU B 74 -6.55 6.88 27.13
N VAL B 75 -6.69 5.82 26.32
CA VAL B 75 -5.62 4.83 26.19
C VAL B 75 -4.56 5.34 25.22
N THR B 76 -3.34 5.14 25.64
CA THR B 76 -2.13 5.49 24.84
C THR B 76 -1.24 4.30 24.76
N ALA B 77 -0.30 4.33 23.80
CA ALA B 77 0.72 3.30 23.68
C ALA B 77 1.55 3.11 24.95
N GLN B 78 1.83 4.24 25.59
CA GLN B 78 2.69 4.25 26.80
C GLN B 78 1.93 3.65 28.00
N LYS B 79 0.64 3.94 28.10
CA LYS B 79 -0.19 3.26 29.13
C LYS B 79 -0.24 1.76 28.91
N LEU B 80 -0.52 1.35 27.65
CA LEU B 80 -0.55 -0.08 27.37
C LEU B 80 0.78 -0.77 27.63
N ALA B 81 1.88 -0.13 27.27
CA ALA B 81 3.20 -0.70 27.51
C ALA B 81 3.42 -0.88 29.02
N SER B 82 3.00 0.10 29.80
CA SER B 82 3.10 -0.04 31.29
C SER B 82 2.31 -1.24 31.76
N TYR B 83 1.12 -1.46 31.23
CA TYR B 83 0.29 -2.61 31.66
C TYR B 83 0.89 -3.92 31.23
N VAL B 84 1.40 -4.01 29.97
CA VAL B 84 2.03 -5.26 29.55
C VAL B 84 3.25 -5.59 30.44
N ILE B 85 4.06 -4.58 30.75
CA ILE B 85 5.21 -4.83 31.65
C ILE B 85 4.69 -5.37 33.00
N SER B 86 3.54 -4.89 33.44
CA SER B 86 2.99 -5.39 34.74
C SER B 86 2.67 -6.86 34.69
N ILE B 87 2.06 -7.34 33.59
CA ILE B 87 1.75 -8.78 33.54
C ILE B 87 3.03 -9.58 33.35
N LEU B 88 4.00 -9.10 32.55
CA LEU B 88 5.26 -9.82 32.37
C LEU B 88 6.01 -9.94 33.73
N ASP B 89 5.94 -8.91 34.54
CA ASP B 89 6.50 -8.96 35.95
C ASP B 89 5.76 -10.03 36.76
N ALA B 90 4.44 -10.03 36.74
CA ALA B 90 3.61 -11.00 37.49
C ALA B 90 3.89 -12.44 37.05
N LEU B 91 4.19 -12.68 35.76
CA LEU B 91 4.46 -14.03 35.24
C LEU B 91 5.95 -14.36 35.24
N ASP B 92 6.80 -13.48 35.77
CA ASP B 92 8.26 -13.69 35.86
C ASP B 92 8.84 -13.94 34.48
N ILE B 93 8.38 -13.16 33.48
CA ILE B 93 8.94 -13.14 32.11
C ILE B 93 9.92 -11.97 32.02
N LYS B 94 11.21 -12.27 32.09
CA LYS B 94 12.23 -11.24 32.20
C LYS B 94 12.60 -10.68 30.82
N HIS B 95 12.66 -11.56 29.82
CA HIS B 95 13.14 -11.17 28.47
C HIS B 95 12.15 -11.76 27.47
N ALA B 96 11.58 -10.87 26.64
CA ALA B 96 10.53 -11.36 25.72
C ALA B 96 10.69 -10.77 24.32
N THR B 97 10.35 -11.60 23.37
CA THR B 97 10.02 -11.18 22.00
C THR B 97 8.53 -10.78 22.07
N VAL B 98 8.18 -9.68 21.40
CA VAL B 98 6.77 -9.23 21.44
C VAL B 98 6.24 -8.96 20.04
N TRP B 99 4.99 -9.30 19.85
CA TRP B 99 4.22 -9.01 18.60
C TRP B 99 3.03 -8.10 18.95
N GLY B 100 2.71 -7.16 18.10
CA GLY B 100 1.41 -6.50 18.22
C GLY B 100 1.00 -5.82 16.95
N CYS B 101 -0.30 -5.82 16.72
CA CYS B 101 -0.97 -5.13 15.61
C CYS B 101 -1.80 -3.95 16.13
N SER B 102 -1.82 -2.86 15.36
CA SER B 102 -2.67 -1.71 15.58
C SER B 102 -2.30 -1.05 16.89
N SER B 103 -3.20 -0.86 17.85
CA SER B 103 -2.75 -0.37 19.16
C SER B 103 -1.71 -1.27 19.81
N GLY B 104 -1.72 -2.54 19.49
CA GLY B 104 -0.69 -3.48 19.95
C GLY B 104 0.65 -3.19 19.29
N ALA B 105 0.65 -2.69 18.04
CA ALA B 105 1.90 -2.27 17.39
C ALA B 105 2.49 -1.07 18.11
N SER B 106 1.66 -0.08 18.41
CA SER B 106 2.12 1.10 19.14
C SER B 106 2.69 0.63 20.49
N THR B 107 1.99 -0.29 21.12
CA THR B 107 2.39 -0.83 22.44
C THR B 107 3.77 -1.46 22.33
N VAL B 108 4.00 -2.33 21.32
CA VAL B 108 5.30 -3.07 21.33
C VAL B 108 6.46 -2.15 20.99
N VAL B 109 6.24 -1.12 20.16
CA VAL B 109 7.32 -0.12 19.90
C VAL B 109 7.59 0.66 21.20
N ALA B 110 6.53 1.05 21.90
CA ALA B 110 6.72 1.74 23.21
C ALA B 110 7.44 0.79 24.18
N LEU B 111 7.16 -0.48 24.17
CA LEU B 111 7.84 -1.47 25.04
C LEU B 111 9.32 -1.53 24.69
N LEU B 112 9.64 -1.60 23.40
CA LEU B 112 11.05 -1.76 23.01
C LEU B 112 11.80 -0.49 23.40
N LEU B 113 11.24 0.68 23.13
CA LEU B 113 11.98 1.92 23.40
C LEU B 113 12.05 2.17 24.91
N GLY B 114 11.04 1.83 25.64
CA GLY B 114 10.98 2.18 27.07
C GLY B 114 11.57 1.16 27.98
N TYR B 115 11.66 -0.09 27.58
CA TYR B 115 12.12 -1.21 28.43
C TYR B 115 13.10 -2.05 27.64
N PRO B 116 14.20 -1.44 27.15
CA PRO B 116 15.11 -2.14 26.25
C PRO B 116 15.73 -3.42 26.85
N ASP B 117 15.97 -3.46 28.16
N ASP B 117 15.93 -3.42 28.16
CA ASP B 117 16.54 -4.69 28.79
CA ASP B 117 16.47 -4.58 28.92
C ASP B 117 15.49 -5.81 28.84
C ASP B 117 15.46 -5.75 28.98
N ARG B 118 14.18 -5.52 28.66
CA ARG B 118 13.13 -6.55 28.81
C ARG B 118 12.74 -7.12 27.42
N ILE B 119 13.02 -6.39 26.36
CA ILE B 119 12.50 -6.77 25.01
C ILE B 119 13.65 -7.20 24.11
N ARG B 120 13.62 -8.46 23.73
CA ARG B 120 14.61 -9.02 22.79
C ARG B 120 14.44 -8.39 21.40
N ASN B 121 13.19 -8.30 20.95
CA ASN B 121 12.86 -7.79 19.61
C ASN B 121 11.35 -7.61 19.57
N ALA B 122 10.91 -6.70 18.73
CA ALA B 122 9.48 -6.41 18.59
C ALA B 122 9.09 -6.55 17.12
N MET B 123 7.92 -7.11 16.91
CA MET B 123 7.26 -7.16 15.60
C MET B 123 6.03 -6.26 15.67
N CYS B 124 6.01 -5.19 14.88
CA CYS B 124 4.85 -4.28 14.85
C CYS B 124 4.17 -4.42 13.49
N HIS B 125 2.86 -4.41 13.52
CA HIS B 125 2.02 -4.58 12.34
C HIS B 125 0.97 -3.46 12.29
N GLU B 126 0.96 -2.70 11.21
CA GLU B 126 -0.12 -1.69 10.97
C GLU B 126 -0.25 -0.75 12.17
N LEU B 127 0.74 0.08 12.36
CA LEU B 127 0.80 1.00 13.56
C LEU B 127 0.03 2.27 13.21
N PRO B 128 -1.04 2.59 13.96
CA PRO B 128 -1.92 3.69 13.60
C PRO B 128 -1.34 5.01 14.07
N THR B 129 -1.08 5.89 13.11
CA THR B 129 -0.48 7.22 13.43
C THR B 129 -1.43 8.36 13.06
N LYS B 130 -2.57 8.08 12.49
CA LYS B 130 -3.50 9.13 12.02
C LYS B 130 -4.85 8.99 12.71
N LEU B 131 -5.39 10.14 13.13
CA LEU B 131 -6.78 10.21 13.62
C LEU B 131 -7.71 9.99 12.46
N LEU B 132 -8.77 9.20 12.66
CA LEU B 132 -9.81 8.94 11.68
C LEU B 132 -11.16 9.38 12.29
N ASP B 133 -11.72 10.47 11.78
CA ASP B 133 -12.96 11.03 12.38
C ASP B 133 -14.09 10.00 12.31
N HIS B 134 -14.21 9.15 11.27
CA HIS B 134 -15.36 8.19 11.20
C HIS B 134 -15.24 7.18 12.35
N LEU B 135 -14.03 6.89 12.82
CA LEU B 135 -13.91 5.98 13.97
C LEU B 135 -14.09 6.76 15.26
N SER B 136 -13.45 7.90 15.40
CA SER B 136 -13.54 8.71 16.64
C SER B 136 -15.02 9.05 16.92
N ASN B 137 -15.76 9.30 15.86
CA ASN B 137 -17.18 9.76 16.03
C ASN B 137 -18.07 8.62 16.51
N THR B 138 -17.65 7.36 16.49
CA THR B 138 -18.52 6.30 17.05
C THR B 138 -18.62 6.42 18.56
N ALA B 139 -17.70 7.13 19.24
CA ALA B 139 -17.63 7.12 20.71
C ALA B 139 -18.90 7.73 21.34
N VAL B 140 -19.60 8.59 20.61
CA VAL B 140 -20.78 9.28 21.21
C VAL B 140 -22.06 8.53 20.88
N LEU B 141 -22.01 7.40 20.16
CA LEU B 141 -23.25 6.65 19.86
C LEU B 141 -23.62 5.71 21.02
N GLU B 142 -24.82 5.14 20.95
CA GLU B 142 -25.26 4.15 21.94
C GLU B 142 -24.45 2.85 21.75
N ASP B 143 -24.29 2.13 22.82
CA ASP B 143 -23.49 0.87 22.82
C ASP B 143 -23.87 -0.04 21.65
N GLU B 144 -25.16 -0.39 21.51
N GLU B 144 -25.17 -0.35 21.48
CA GLU B 144 -25.54 -1.39 20.49
CA GLU B 144 -25.56 -1.35 20.47
C GLU B 144 -25.28 -0.82 19.10
C GLU B 144 -25.33 -0.80 19.07
N GLU B 145 -25.44 0.49 18.87
N GLU B 145 -25.41 0.50 18.83
CA GLU B 145 -25.13 1.11 17.56
CA GLU B 145 -25.12 1.05 17.50
C GLU B 145 -23.62 0.91 17.30
C GLU B 145 -23.60 0.93 17.26
N ILE B 146 -22.79 1.21 18.29
CA ILE B 146 -21.31 1.06 18.12
C ILE B 146 -21.03 -0.39 17.72
N SER B 147 -21.57 -1.33 18.48
CA SER B 147 -21.24 -2.75 18.25
C SER B 147 -21.65 -3.17 16.84
N ASN B 148 -22.84 -2.72 16.38
CA ASN B 148 -23.29 -3.08 15.04
C ASN B 148 -22.38 -2.49 14.00
N ILE B 149 -22.01 -1.22 14.11
CA ILE B 149 -21.18 -0.54 13.11
C ILE B 149 -19.80 -1.19 13.10
N LEU B 150 -19.21 -1.42 14.24
CA LEU B 150 -17.77 -1.84 14.24
C LEU B 150 -17.70 -3.33 13.95
N ALA B 151 -18.73 -4.14 14.28
CA ALA B 151 -18.70 -5.55 13.84
C ALA B 151 -18.63 -5.58 12.30
N ASN B 152 -19.38 -4.70 11.65
CA ASN B 152 -19.41 -4.64 10.19
C ASN B 152 -18.07 -4.16 9.64
N VAL B 153 -17.47 -3.15 10.26
CA VAL B 153 -16.15 -2.62 9.84
C VAL B 153 -15.12 -3.73 9.92
N MET B 154 -15.13 -4.47 11.01
CA MET B 154 -14.09 -5.49 11.18
C MET B 154 -14.27 -6.56 10.11
N LEU B 155 -15.49 -7.10 9.91
CA LEU B 155 -15.68 -8.19 8.94
C LEU B 155 -15.35 -7.68 7.54
N ASN B 156 -15.90 -6.55 7.13
CA ASN B 156 -15.92 -6.19 5.69
C ASN B 156 -14.73 -5.32 5.29
N ASP B 157 -14.12 -4.57 6.19
CA ASP B 157 -13.08 -3.60 5.78
C ASP B 157 -11.68 -4.09 6.12
N VAL B 158 -11.48 -4.80 7.24
CA VAL B 158 -10.08 -5.00 7.72
C VAL B 158 -9.78 -6.44 8.10
N SER B 159 -10.76 -7.39 8.04
CA SER B 159 -10.45 -8.74 8.55
C SER B 159 -9.38 -9.45 7.71
N GLY B 160 -9.30 -9.15 6.43
CA GLY B 160 -8.36 -9.85 5.55
C GLY B 160 -8.81 -11.25 5.19
N GLY B 161 -10.04 -11.63 5.54
CA GLY B 161 -10.50 -13.04 5.30
C GLY B 161 -11.85 -13.25 6.01
N SER B 162 -12.92 -13.03 5.30
CA SER B 162 -14.25 -13.02 5.93
C SER B 162 -14.60 -14.41 6.49
N GLU B 163 -14.26 -15.47 5.78
CA GLU B 163 -14.60 -16.82 6.26
C GLU B 163 -13.90 -17.07 7.59
N ALA B 164 -12.59 -16.77 7.68
CA ALA B 164 -11.82 -17.02 8.88
C ALA B 164 -12.34 -16.13 10.02
N TRP B 165 -12.68 -14.88 9.70
CA TRP B 165 -13.20 -13.96 10.72
C TRP B 165 -14.50 -14.51 11.33
N GLN B 166 -15.41 -14.92 10.47
CA GLN B 166 -16.69 -15.47 10.96
C GLN B 166 -16.46 -16.78 11.71
N ALA B 167 -15.46 -17.56 11.28
CA ALA B 167 -15.19 -18.86 11.90
C ALA B 167 -14.57 -18.74 13.28
N LEU B 168 -14.22 -17.51 13.75
CA LEU B 168 -13.89 -17.33 15.16
C LEU B 168 -15.02 -17.80 16.07
N GLY B 169 -16.26 -17.71 15.58
CA GLY B 169 -17.40 -18.35 16.25
C GLY B 169 -18.13 -17.47 17.22
N VAL B 170 -19.30 -17.94 17.63
CA VAL B 170 -20.25 -17.15 18.41
C VAL B 170 -19.64 -16.69 19.76
N GLU B 171 -18.90 -17.55 20.46
N GLU B 171 -18.89 -17.56 20.46
CA GLU B 171 -18.37 -17.18 21.80
CA GLU B 171 -18.34 -17.21 21.80
C GLU B 171 -17.43 -15.97 21.61
C GLU B 171 -17.39 -16.02 21.66
N VAL B 172 -16.51 -16.06 20.65
CA VAL B 172 -15.57 -14.93 20.42
C VAL B 172 -16.33 -13.68 20.01
N HIS B 173 -17.25 -13.81 19.04
CA HIS B 173 -17.95 -12.62 18.51
C HIS B 173 -18.81 -12.00 19.60
N ALA B 174 -19.35 -12.78 20.51
CA ALA B 174 -20.15 -12.20 21.62
C ALA B 174 -19.23 -11.41 22.54
N ARG B 175 -18.00 -11.85 22.76
CA ARG B 175 -17.06 -11.03 23.56
C ARG B 175 -16.68 -9.78 22.77
N LEU B 176 -16.43 -9.87 21.47
CA LEU B 176 -16.06 -8.68 20.67
C LEU B 176 -17.20 -7.66 20.73
N HIS B 177 -18.44 -8.15 20.62
CA HIS B 177 -19.61 -7.27 20.60
C HIS B 177 -19.59 -6.38 21.86
N LYS B 178 -19.29 -6.95 23.02
CA LYS B 178 -19.19 -6.18 24.28
C LYS B 178 -17.97 -5.26 24.29
N ASN B 179 -16.89 -5.64 23.61
CA ASN B 179 -15.69 -4.81 23.62
C ASN B 179 -15.82 -3.59 22.72
N TYR B 180 -16.57 -3.63 21.62
CA TYR B 180 -16.59 -2.51 20.65
C TYR B 180 -16.82 -1.16 21.33
N PRO B 181 -17.83 -1.01 22.22
CA PRO B 181 -18.03 0.31 22.83
C PRO B 181 -16.88 0.71 23.73
N VAL B 182 -16.26 -0.22 24.41
CA VAL B 182 -15.13 0.09 25.30
C VAL B 182 -14.01 0.60 24.40
N TRP B 183 -13.71 -0.13 23.33
CA TRP B 183 -12.65 0.32 22.40
C TRP B 183 -13.00 1.69 21.84
N ALA B 184 -14.22 1.90 21.37
CA ALA B 184 -14.58 3.13 20.65
C ALA B 184 -14.36 4.32 21.62
N ARG B 185 -14.77 4.20 22.87
N ARG B 185 -14.77 4.20 22.87
CA ARG B 185 -14.70 5.35 23.82
CA ARG B 185 -14.70 5.34 23.83
C ARG B 185 -13.27 5.55 24.33
C ARG B 185 -13.28 5.54 24.34
N GLY B 186 -12.40 4.53 24.26
CA GLY B 186 -11.08 4.59 24.89
C GLY B 186 -9.90 4.74 23.96
N TYR B 187 -10.03 4.33 22.70
CA TYR B 187 -8.84 4.11 21.84
C TYR B 187 -8.69 5.11 20.68
N PRO B 188 -9.63 5.29 19.75
CA PRO B 188 -9.34 5.96 18.47
C PRO B 188 -8.95 7.45 18.64
N ARG B 189 -9.44 8.12 19.68
CA ARG B 189 -9.11 9.55 19.84
C ARG B 189 -7.73 9.73 20.43
N THR B 190 -7.16 8.75 21.14
CA THR B 190 -5.95 8.95 21.92
C THR B 190 -4.78 8.04 21.49
N ILE B 191 -5.07 6.89 20.81
CA ILE B 191 -3.94 6.05 20.38
C ILE B 191 -3.12 6.72 19.30
N PRO B 192 -3.67 7.23 18.22
CA PRO B 192 -2.81 7.70 17.11
C PRO B 192 -1.86 8.82 17.52
N PRO B 193 -2.27 9.81 18.34
CA PRO B 193 -1.31 10.84 18.75
C PRO B 193 -0.20 10.33 19.65
N SER B 194 -0.34 9.17 20.27
CA SER B 194 0.63 8.56 21.17
C SER B 194 1.68 7.73 20.39
N ALA B 195 1.55 7.63 19.05
CA ALA B 195 2.40 6.71 18.30
C ALA B 195 3.87 7.04 18.54
N PRO B 196 4.66 6.05 18.94
CA PRO B 196 6.06 6.28 19.28
C PRO B 196 6.98 6.28 18.04
N VAL B 197 6.62 7.05 17.02
CA VAL B 197 7.39 7.16 15.75
C VAL B 197 7.67 8.60 15.37
N GLN B 198 7.54 9.59 16.26
CA GLN B 198 7.87 10.99 15.91
C GLN B 198 9.38 11.10 15.74
N ASP B 199 10.15 10.31 16.49
CA ASP B 199 11.62 10.36 16.52
C ASP B 199 12.17 9.19 15.69
N VAL B 200 12.44 9.44 14.44
CA VAL B 200 12.95 8.40 13.52
C VAL B 200 14.30 7.93 14.02
N GLU B 201 15.17 8.85 14.47
CA GLU B 201 16.50 8.41 14.95
C GLU B 201 16.41 7.48 16.16
N ALA B 202 15.36 7.53 16.98
CA ALA B 202 15.23 6.65 18.14
C ALA B 202 14.95 5.21 17.65
N LEU B 203 14.38 5.06 16.47
CA LEU B 203 14.09 3.71 15.90
C LEU B 203 15.33 3.09 15.27
N ARG B 204 16.30 3.90 14.84
CA ARG B 204 17.41 3.40 14.00
C ARG B 204 18.24 2.44 14.82
N GLY B 205 18.51 1.27 14.25
CA GLY B 205 19.38 0.25 14.83
C GLY B 205 18.68 -0.59 15.87
N LYS B 206 17.37 -0.36 16.11
CA LYS B 206 16.62 -1.15 17.09
C LYS B 206 16.11 -2.47 16.52
N PRO B 207 15.98 -3.53 17.37
CA PRO B 207 15.53 -4.86 16.93
C PRO B 207 14.02 -4.88 16.68
N LEU B 208 13.64 -4.21 15.61
CA LEU B 208 12.24 -3.98 15.24
C LEU B 208 12.03 -4.56 13.85
N ASP B 209 10.93 -5.29 13.65
CA ASP B 209 10.53 -5.80 12.34
C ASP B 209 9.08 -5.37 12.13
N TRP B 210 8.85 -4.65 11.05
CA TRP B 210 7.59 -3.93 10.83
C TRP B 210 6.88 -4.61 9.65
N THR B 211 5.59 -4.81 9.76
CA THR B 211 4.80 -5.37 8.64
C THR B 211 3.54 -4.56 8.42
N VAL B 212 3.03 -4.68 7.21
CA VAL B 212 1.69 -4.20 6.82
C VAL B 212 0.99 -5.32 6.06
N GLY B 213 -0.32 -5.37 6.08
CA GLY B 213 -1.05 -6.38 5.30
C GLY B 213 -0.88 -6.15 3.80
N ALA B 214 -0.65 -7.22 3.08
CA ALA B 214 -0.46 -7.17 1.62
C ALA B 214 -1.69 -6.66 0.95
N ALA B 215 -2.88 -6.97 1.45
CA ALA B 215 -4.13 -6.61 0.81
C ALA B 215 -4.68 -5.27 1.34
N THR B 216 -4.13 -4.76 2.43
CA THR B 216 -4.56 -3.47 2.98
C THR B 216 -4.44 -2.42 1.89
N PRO B 217 -5.42 -1.52 1.74
CA PRO B 217 -5.25 -0.43 0.80
C PRO B 217 -3.99 0.37 1.14
N THR B 218 -3.29 0.81 0.07
CA THR B 218 -2.00 1.49 0.23
C THR B 218 -2.13 2.71 1.16
N GLU B 219 -3.25 3.43 1.06
N GLU B 219 -3.25 3.43 1.06
CA GLU B 219 -3.34 4.66 1.89
CA GLU B 219 -3.45 4.64 1.89
C GLU B 219 -3.35 4.38 3.40
C GLU B 219 -3.27 4.34 3.38
N SER B 220 -3.72 3.18 3.83
CA SER B 220 -3.92 2.98 5.30
C SER B 220 -2.60 3.09 6.04
N PHE B 221 -1.53 2.45 5.53
CA PHE B 221 -0.25 2.42 6.26
C PHE B 221 0.93 2.84 5.39
N PHE B 222 0.63 3.63 4.38
CA PHE B 222 1.66 4.31 3.57
C PHE B 222 2.70 4.95 4.51
N ASP B 223 2.24 5.63 5.55
CA ASP B 223 3.12 6.37 6.46
C ASP B 223 4.06 5.40 7.20
N ASN B 224 3.61 4.20 7.49
CA ASN B 224 4.46 3.22 8.17
C ASN B 224 5.65 2.86 7.27
N ILE B 225 5.36 2.66 5.98
CA ILE B 225 6.42 2.25 5.03
C ILE B 225 7.46 3.36 4.94
N VAL B 226 7.00 4.58 4.83
CA VAL B 226 7.91 5.75 4.78
C VAL B 226 8.76 5.83 6.03
N THR B 227 8.11 5.74 7.19
CA THR B 227 8.81 5.87 8.47
C THR B 227 9.83 4.77 8.64
N ALA B 228 9.45 3.53 8.39
CA ALA B 228 10.36 2.41 8.57
C ALA B 228 11.57 2.57 7.64
N THR B 229 11.32 2.93 6.39
CA THR B 229 12.41 3.11 5.42
C THR B 229 13.35 4.23 5.89
N LYS B 230 12.80 5.35 6.35
CA LYS B 230 13.65 6.47 6.84
C LYS B 230 14.52 6.01 8.00
N ALA B 231 14.02 5.13 8.88
CA ALA B 231 14.71 4.66 10.08
C ALA B 231 15.62 3.46 9.77
N GLY B 232 15.63 2.92 8.55
CA GLY B 232 16.36 1.73 8.20
C GLY B 232 15.84 0.45 8.82
N VAL B 233 14.58 0.46 9.28
CA VAL B 233 13.92 -0.67 9.96
C VAL B 233 13.45 -1.65 8.93
N ASN B 234 13.65 -2.93 9.18
N ASN B 234 13.61 -2.93 9.18
CA ASN B 234 13.11 -4.00 8.34
CA ASN B 234 13.18 -3.99 8.26
C ASN B 234 11.60 -3.74 8.18
C ASN B 234 11.63 -3.94 8.17
N ILE B 235 11.11 -3.75 6.96
CA ILE B 235 9.65 -3.58 6.71
C ILE B 235 9.26 -4.49 5.58
N GLY B 236 8.15 -5.21 5.78
CA GLY B 236 7.68 -6.15 4.78
C GLY B 236 6.21 -6.39 4.94
N LEU B 237 5.73 -7.43 4.28
CA LEU B 237 4.28 -7.68 4.21
C LEU B 237 3.95 -9.06 4.76
N LEU B 238 2.74 -9.16 5.29
CA LEU B 238 2.09 -10.44 5.62
C LEU B 238 0.84 -10.53 4.77
N PRO B 239 0.39 -11.74 4.45
CA PRO B 239 -0.87 -11.88 3.73
C PRO B 239 -2.04 -11.29 4.56
N GLY B 240 -3.06 -10.87 3.84
CA GLY B 240 -4.30 -10.39 4.46
C GLY B 240 -4.16 -8.91 4.82
N MET B 241 -4.82 -8.51 5.91
CA MET B 241 -4.99 -7.11 6.27
C MET B 241 -4.55 -6.98 7.72
N ALA B 242 -5.43 -6.62 8.63
CA ALA B 242 -5.06 -6.31 10.01
C ALA B 242 -4.91 -7.53 10.90
N PHE B 243 -5.42 -8.69 10.52
CA PHE B 243 -5.48 -9.83 11.45
C PHE B 243 -4.86 -11.05 10.79
N PRO B 244 -3.54 -11.01 10.48
CA PRO B 244 -2.95 -12.17 9.83
C PRO B 244 -2.98 -13.42 10.70
N TYR B 245 -3.01 -13.24 12.02
CA TYR B 245 -3.12 -14.36 12.96
C TYR B 245 -4.50 -15.06 12.86
N VAL B 246 -5.51 -14.35 12.34
CA VAL B 246 -6.83 -14.95 12.08
C VAL B 246 -6.86 -15.45 10.64
N SER B 247 -6.55 -14.62 9.68
CA SER B 247 -6.74 -14.94 8.25
C SER B 247 -5.74 -15.99 7.78
N HIS B 248 -4.51 -15.94 8.25
CA HIS B 248 -3.41 -16.78 7.74
C HIS B 248 -2.57 -17.27 8.90
N PRO B 249 -3.14 -18.04 9.84
CA PRO B 249 -2.47 -18.37 11.08
C PRO B 249 -1.13 -19.12 10.92
N ASP B 250 -1.02 -19.98 9.90
CA ASP B 250 0.23 -20.74 9.70
C ASP B 250 1.33 -19.84 9.17
N VAL B 251 1.00 -18.90 8.29
CA VAL B 251 2.01 -17.95 7.78
C VAL B 251 2.43 -17.05 8.94
N PHE B 252 1.46 -16.58 9.69
CA PHE B 252 1.73 -15.72 10.86
C PHE B 252 2.67 -16.43 11.82
N ALA B 253 2.36 -17.67 12.16
CA ALA B 253 3.20 -18.42 13.11
C ALA B 253 4.63 -18.59 12.55
N LYS B 254 4.73 -18.87 11.28
CA LYS B 254 6.07 -19.04 10.67
C LYS B 254 6.86 -17.76 10.75
N TYR B 255 6.19 -16.61 10.50
CA TYR B 255 6.85 -15.32 10.53
C TYR B 255 7.35 -15.05 11.95
N VAL B 256 6.50 -15.27 12.95
CA VAL B 256 6.90 -15.00 14.35
C VAL B 256 8.11 -15.89 14.75
N VAL B 257 8.03 -17.14 14.37
CA VAL B 257 9.12 -18.12 14.70
C VAL B 257 10.40 -17.69 14.00
N GLU B 258 10.34 -17.44 12.69
CA GLU B 258 11.59 -17.13 11.91
C GLU B 258 12.17 -15.82 12.41
N THR B 259 11.33 -14.81 12.67
CA THR B 259 11.85 -13.51 13.14
C THR B 259 12.50 -13.67 14.53
N THR B 260 11.92 -14.45 15.42
CA THR B 260 12.47 -14.67 16.77
C THR B 260 13.82 -15.42 16.61
N GLN B 261 13.81 -16.42 15.74
CA GLN B 261 15.09 -17.17 15.50
C GLN B 261 16.17 -16.27 14.92
N LYS B 262 15.85 -15.34 14.03
CA LYS B 262 16.83 -14.40 13.48
C LYS B 262 17.44 -13.57 14.59
N HIS B 263 16.62 -13.11 15.54
CA HIS B 263 17.16 -12.27 16.65
C HIS B 263 17.90 -13.11 17.69
N LEU B 264 17.60 -14.38 17.84
CA LEU B 264 18.34 -15.22 18.76
C LEU B 264 19.74 -15.42 18.17
N TRP B 265 19.85 -15.53 16.85
CA TRP B 265 21.17 -15.76 16.16
C TRP B 265 22.00 -14.49 16.31
N ASN B 266 21.39 -13.33 16.01
CA ASN B 266 22.06 -12.00 16.05
C ASN B 266 22.44 -11.69 17.49
N SER B 267 21.64 -12.11 18.48
CA SER B 267 21.90 -11.91 19.93
C SER B 267 23.25 -12.58 20.27
N SER B 268 23.44 -13.83 19.82
CA SER B 268 24.74 -14.56 19.92
C SER B 268 25.72 -13.96 18.90
CAO 36J C . -2.87 -2.90 -13.92
CAO 36J C . -2.27 -1.81 -13.22
CAL 36J C . -2.58 -2.69 -15.39
CAL 36J C . -1.67 -1.11 -14.44
CAM 36J C . -2.26 -1.24 -15.72
CAM 36J C . -2.34 -1.35 -15.77
CAV 36J C . -1.40 -1.05 -16.94
CAV 36J C . -1.45 -1.12 -16.99
CAA 36J C . -2.15 -1.35 -18.21
CAA 36J C . -2.16 -1.44 -18.28
OAP 36J C . -0.29 -2.00 -16.79
OAP 36J C . -0.32 -2.06 -16.83
CAQ 36J C . 0.85 -1.79 -17.48
CAQ 36J C . 0.83 -1.80 -17.48
OAB 36J C . 0.99 -0.87 -18.26
OAB 36J C . 1.00 -0.84 -18.22
CAU 36J C . 1.90 -2.79 -17.16
CAU 36J C . 1.88 -2.81 -17.16
CAS 36J C . 2.94 -2.94 -18.10
CAS 36J C . 2.97 -2.89 -18.08
OAD 36J C . 2.97 -2.17 -19.17
OAD 36J C . 3.03 -2.07 -19.10
CAH 36J C . 3.96 -3.85 -17.91
CAH 36J C . 3.99 -3.80 -17.88
CAR 36J C . 3.96 -4.64 -16.80
CAR 36J C . 3.95 -4.65 -16.82
OAC 36J C . 4.91 -5.60 -16.61
OAC 36J C . 4.90 -5.60 -16.64
CAI 36J C . 2.94 -4.54 -15.85
CAI 36J C . 2.88 -4.62 -15.92
CAT 36J C . 1.92 -3.61 -16.01
CAT 36J C . 1.85 -3.70 -16.07
CAG 36J C . 0.92 -3.52 -14.95
CAG 36J C . 0.76 -3.73 -15.08
CAF 36J C . 0.97 -4.22 -13.82
CAF 36J C . 0.52 -4.62 -14.11
CAJ 36J C . 0.11 -4.05 -12.61
CAJ 36J C . -0.81 -4.84 -13.43
CAK 36J C . -0.93 -5.16 -12.49
CAK 36J C . -0.88 -4.29 -12.01
CAN 36J C . -1.91 -5.24 -13.64
CAN 36J C . -0.35 -2.86 -11.88
CAW 36J C . -3.10 -4.34 -13.49
CAW 36J C . -1.41 -1.73 -11.97
OAE 36J C . -3.52 -4.34 -12.11
OAE 36J C . -0.76 -0.44 -11.88
C1 GOL D . 3.71 -5.29 -11.90
O1 GOL D . 4.74 -5.74 -12.81
C2 GOL D . 4.24 -5.34 -10.51
O2 GOL D . 5.55 -4.76 -10.51
C3 GOL D . 3.33 -4.79 -9.46
O3 GOL D . 3.84 -5.32 -8.24
C1 GOL E . -11.75 10.37 -20.02
O1 GOL E . -12.20 11.71 -20.19
C2 GOL E . -12.56 9.77 -18.91
O2 GOL E . -13.93 9.69 -19.31
C3 GOL E . -12.51 10.53 -17.60
O3 GOL E . -13.31 9.84 -16.63
C1 GOL F . 0.61 -2.98 -35.38
O1 GOL F . 0.18 -2.59 -36.65
C2 GOL F . -0.52 -3.72 -34.72
O2 GOL F . -0.34 -3.60 -33.32
C3 GOL F . -0.60 -5.17 -35.14
O3 GOL F . -0.60 -6.02 -33.99
K K G . -12.55 13.75 -9.94
CAO 36J H . -7.50 -2.28 11.37
CAL 36J H . -7.10 -2.39 12.84
CAM 36J H . -8.14 -3.03 13.74
CAV 36J H . -7.92 -2.82 15.21
CAA 36J H . -8.94 -3.49 16.08
OAP 36J H . -8.02 -1.34 15.38
CAQ 36J H . -7.41 -0.80 16.44
OAB 36J H . -6.83 -1.43 17.34
CAU 36J H . -7.34 0.68 16.35
CAS 36J H . -6.86 1.36 17.51
OAD 36J H . -6.58 0.67 18.57
CAH 36J H . -6.75 2.74 17.53
CAR 36J H . -7.06 3.47 16.41
OAC 36J H . -6.96 4.84 16.40
CAI 36J H . -7.54 2.85 15.26
CAT 36J H . -7.67 1.47 15.19
CAG 36J H . -8.27 0.89 13.96
CAF 36J H . -8.32 1.42 12.75
CAJ 36J H . -8.95 0.75 11.58
CAK 36J H . -7.99 0.66 10.40
CAN 36J H . -6.65 0.05 10.69
CAW 36J H . -6.53 -1.49 10.50
OAE 36J H . -5.17 -1.91 10.85
C1 GOL I . -4.89 3.76 9.61
O1 GOL I . -5.81 3.63 8.53
C2 GOL I . -4.57 5.19 9.77
O2 GOL I . -3.97 5.43 8.51
C3 GOL I . -3.77 5.55 11.02
O3 GOL I . -4.54 5.23 12.17
C1 GOL J . -13.57 -8.73 3.49
O1 GOL J . -13.78 -9.98 2.88
C2 GOL J . -12.11 -8.41 3.49
O2 GOL J . -11.64 -8.09 2.18
C3 GOL J . -11.78 -7.25 4.36
O3 GOL J . -10.42 -7.34 4.72
C1 GOL K . -7.59 -18.54 15.91
O1 GOL K . -7.07 -19.86 16.04
C2 GOL K . -8.16 -18.39 14.53
O2 GOL K . -9.30 -19.25 14.41
C3 GOL K . -7.23 -18.70 13.37
O3 GOL K . -7.93 -18.54 12.11
C1 GOL L . -16.84 -1.77 31.65
O1 GOL L . -17.01 -1.14 30.39
C2 GOL L . -16.10 -3.08 31.48
O2 GOL L . -14.91 -2.87 30.72
C3 GOL L . -15.77 -3.73 32.79
O3 GOL L . -14.69 -3.03 33.39
K K M . -2.16 -19.84 6.88
#